data_8FJX
#
_entry.id   8FJX
#
_cell.length_a   75.251
_cell.length_b   75.251
_cell.length_c   100.037
_cell.angle_alpha   90.00
_cell.angle_beta   90.00
_cell.angle_gamma   120.00
#
_symmetry.space_group_name_H-M   'P 32 2 1'
#
loop_
_entity.id
_entity.type
_entity.pdbx_description
1 polymer 'Trifunctional purine biosynthetic protein adenosine-3'
2 non-polymer 'N-{5-[5-(2-amino-4-oxo-3,4-dihydro-5H-pyrrolo[3,2-d]pyrimidin-5-yl)pentyl]thiophene-2-carbonyl}-L-glutamic acid'
3 non-polymer 'GLYCINAMIDE RIBONUCLEOTIDE'
4 water water
#
_entity_poly.entity_id   1
_entity_poly.type   'polypeptide(L)'
_entity_poly.pdbx_seq_one_letter_code
;MARVAVLISGTGSNLQALIDSTREPNSSAQIDIVISNKAAVAGLDKAERAGIPTRVINHKLYKNRVEFDSAIDLVLEEFS
IDIVCLAGFMRILSGPFVQKWNGKMLNIHPSLLPSFKGSNAHEQALETGVTVTGCTVHFVAEDVDAGQIILQEAVPVKRG
DTVATLSERVKLAEHKIFPAALQLVASGTVQLGENGKICWVKEEHHHHHH
;
_entity_poly.pdbx_strand_id   A
#
# COMPACT_ATOMS: atom_id res chain seq x y z
N ALA A 2 -0.97 13.87 9.96
CA ALA A 2 -1.95 12.95 9.38
C ALA A 2 -1.84 11.59 10.04
N ARG A 3 -2.98 11.06 10.47
CA ARG A 3 -3.03 9.77 11.14
C ARG A 3 -3.23 8.67 10.10
N VAL A 4 -2.43 7.61 10.20
CA VAL A 4 -2.31 6.62 9.15
C VAL A 4 -2.58 5.22 9.71
N ALA A 5 -3.35 4.44 8.96
CA ALA A 5 -3.47 3.00 9.16
C ALA A 5 -2.71 2.29 8.04
N VAL A 6 -2.03 1.20 8.38
CA VAL A 6 -1.37 0.36 7.39
C VAL A 6 -2.06 -0.99 7.41
N LEU A 7 -2.58 -1.41 6.24
CA LEU A 7 -3.17 -2.73 6.08
C LEU A 7 -2.16 -3.65 5.42
N ILE A 8 -1.98 -4.83 6.00
CA ILE A 8 -0.96 -5.77 5.58
C ILE A 8 -1.57 -7.16 5.44
N SER A 9 -0.83 -8.05 4.77
CA SER A 9 -1.22 -9.45 4.65
C SER A 9 -0.05 -10.41 4.83
N GLY A 10 1.18 -9.92 5.01
CA GLY A 10 2.33 -10.79 5.07
C GLY A 10 3.55 -10.22 5.76
N THR A 11 4.70 -10.29 5.07
CA THR A 11 5.99 -10.01 5.70
C THR A 11 6.06 -8.60 6.28
N GLY A 12 5.57 -7.60 5.54
CA GLY A 12 5.55 -6.25 6.03
C GLY A 12 6.82 -5.45 5.88
N SER A 13 7.64 -5.74 4.87
CA SER A 13 8.83 -4.91 4.66
C SER A 13 8.44 -3.49 4.27
N ASN A 14 7.39 -3.33 3.47
CA ASN A 14 6.91 -1.97 3.20
C ASN A 14 6.40 -1.31 4.47
N LEU A 15 5.63 -2.05 5.28
CA LEU A 15 5.25 -1.52 6.58
C LEU A 15 6.46 -1.01 7.34
N GLN A 16 7.51 -1.82 7.43
CA GLN A 16 8.71 -1.41 8.16
C GLN A 16 9.33 -0.15 7.57
N ALA A 17 9.38 -0.05 6.23
CA ALA A 17 9.92 1.16 5.62
C ALA A 17 9.08 2.37 6.00
N LEU A 18 7.76 2.21 6.07
CA LEU A 18 6.89 3.32 6.46
C LEU A 18 7.09 3.68 7.92
N ILE A 19 7.25 2.68 8.80
CA ILE A 19 7.53 2.97 10.21
C ILE A 19 8.82 3.78 10.33
N ASP A 20 9.88 3.30 9.70
CA ASP A 20 11.16 4.00 9.77
C ASP A 20 11.02 5.45 9.34
N SER A 21 10.35 5.69 8.21
CA SER A 21 10.27 7.05 7.69
C SER A 21 9.36 7.91 8.55
N THR A 22 8.29 7.35 9.10
CA THR A 22 7.40 8.16 9.90
C THR A 22 7.96 8.47 11.29
N ARG A 23 9.02 7.80 11.71
N ARG A 23 9.01 7.77 11.70
CA ARG A 23 9.69 8.17 12.95
CA ARG A 23 9.73 8.12 12.92
C ARG A 23 10.72 9.28 12.75
C ARG A 23 10.50 9.43 12.75
N GLU A 24 10.89 9.74 11.52
CA GLU A 24 11.73 10.91 11.28
C GLU A 24 11.09 12.15 11.87
N PRO A 25 11.88 13.08 12.41
CA PRO A 25 11.28 14.29 13.00
C PRO A 25 10.36 15.04 12.04
N ASN A 26 10.75 15.18 10.78
CA ASN A 26 9.99 15.97 9.81
C ASN A 26 8.82 15.21 9.18
N SER A 27 8.54 13.99 9.63
CA SER A 27 7.43 13.23 9.06
C SER A 27 6.10 13.89 9.35
N SER A 28 5.27 14.02 8.31
CA SER A 28 3.92 14.54 8.44
C SER A 28 2.90 13.44 8.69
N ALA A 29 3.35 12.20 8.78
CA ALA A 29 2.47 11.06 8.97
C ALA A 29 2.85 10.35 10.26
N GLN A 30 1.86 9.80 10.93
CA GLN A 30 2.07 8.97 12.11
C GLN A 30 1.25 7.71 11.92
N ILE A 31 1.86 6.56 12.18
CA ILE A 31 1.17 5.28 12.01
C ILE A 31 0.51 4.92 13.33
N ASP A 32 -0.82 4.90 13.33
CA ASP A 32 -1.57 4.72 14.56
C ASP A 32 -2.20 3.33 14.71
N ILE A 33 -2.22 2.55 13.64
CA ILE A 33 -2.86 1.23 13.68
C ILE A 33 -2.38 0.44 12.48
N VAL A 34 -2.03 -0.83 12.74
CA VAL A 34 -1.69 -1.79 11.70
C VAL A 34 -2.76 -2.88 11.70
N ILE A 35 -3.39 -3.10 10.54
CA ILE A 35 -4.48 -4.07 10.41
C ILE A 35 -4.04 -5.16 9.43
N SER A 36 -4.05 -6.40 9.90
CA SER A 36 -3.82 -7.55 9.04
C SER A 36 -5.11 -8.33 8.88
N ASN A 37 -5.29 -8.93 7.70
CA ASN A 37 -6.40 -9.85 7.47
C ASN A 37 -6.00 -11.29 7.73
N LYS A 38 -4.72 -11.54 8.00
CA LYS A 38 -4.18 -12.86 8.27
C LYS A 38 -3.39 -12.80 9.58
N ALA A 39 -3.57 -13.82 10.41
CA ALA A 39 -2.85 -13.88 11.68
C ALA A 39 -1.45 -14.42 11.49
N ALA A 40 -0.62 -14.21 12.51
CA ALA A 40 0.71 -14.82 12.59
C ALA A 40 1.58 -14.48 11.38
N VAL A 41 1.36 -13.32 10.76
CA VAL A 41 2.23 -12.85 9.69
C VAL A 41 3.29 -11.94 10.29
N ALA A 42 4.46 -11.91 9.67
CA ALA A 42 5.61 -11.20 10.24
C ALA A 42 5.34 -9.70 10.39
N GLY A 43 4.49 -9.13 9.54
CA GLY A 43 4.20 -7.71 9.64
C GLY A 43 3.59 -7.31 10.96
N LEU A 44 2.89 -8.24 11.61
CA LEU A 44 2.33 -7.95 12.93
C LEU A 44 3.43 -7.81 13.98
N ASP A 45 4.49 -8.63 13.88
CA ASP A 45 5.60 -8.51 14.81
C ASP A 45 6.32 -7.17 14.67
N LYS A 46 6.59 -6.77 13.42
CA LYS A 46 7.23 -5.49 13.19
C LYS A 46 6.41 -4.36 13.80
N ALA A 47 5.09 -4.41 13.63
CA ALA A 47 4.24 -3.39 14.23
C ALA A 47 4.34 -3.41 15.75
N GLU A 48 4.18 -4.58 16.35
CA GLU A 48 4.26 -4.67 17.80
C GLU A 48 5.65 -4.28 18.30
N ARG A 49 6.70 -4.69 17.59
CA ARG A 49 8.04 -4.28 17.97
C ARG A 49 8.21 -2.77 17.96
N ALA A 50 7.50 -2.08 17.07
CA ALA A 50 7.56 -0.63 16.99
C ALA A 50 6.57 0.06 17.92
N GLY A 51 5.75 -0.70 18.65
CA GLY A 51 4.82 -0.12 19.59
C GLY A 51 3.51 0.31 19.00
N ILE A 52 3.16 -0.19 17.82
CA ILE A 52 1.98 0.24 17.09
C ILE A 52 0.87 -0.78 17.33
N PRO A 53 -0.32 -0.35 17.76
CA PRO A 53 -1.44 -1.29 17.91
C PRO A 53 -1.67 -2.12 16.65
N THR A 54 -2.13 -3.34 16.85
CA THR A 54 -2.43 -4.25 15.77
C THR A 54 -3.85 -4.79 15.93
N ARG A 55 -4.51 -5.03 14.79
CA ARG A 55 -5.81 -5.69 14.76
C ARG A 55 -5.77 -6.71 13.63
N VAL A 56 -6.17 -7.95 13.93
CA VAL A 56 -6.38 -8.96 12.91
C VAL A 56 -7.87 -9.02 12.60
N ILE A 57 -8.22 -8.88 11.33
CA ILE A 57 -9.60 -8.96 10.87
C ILE A 57 -9.63 -10.00 9.76
N ASN A 58 -9.90 -11.25 10.14
CA ASN A 58 -9.91 -12.38 9.21
C ASN A 58 -11.04 -12.21 8.19
N HIS A 59 -10.68 -11.95 6.93
CA HIS A 59 -11.70 -11.79 5.89
C HIS A 59 -12.54 -13.05 5.75
N LYS A 60 -11.98 -14.22 6.10
CA LYS A 60 -12.69 -15.49 5.93
C LYS A 60 -13.88 -15.63 6.87
N LEU A 61 -13.94 -14.84 7.94
CA LEU A 61 -15.00 -14.95 8.93
C LEU A 61 -16.23 -14.14 8.56
N TYR A 62 -16.26 -13.50 7.39
CA TYR A 62 -17.36 -12.62 7.02
C TYR A 62 -18.07 -13.15 5.78
N LYS A 63 -19.31 -12.68 5.60
CA LYS A 63 -20.14 -13.19 4.51
C LYS A 63 -19.72 -12.64 3.16
N ASN A 64 -19.46 -11.34 3.08
CA ASN A 64 -19.05 -10.71 1.83
C ASN A 64 -18.00 -9.65 2.12
N ARG A 65 -17.60 -8.92 1.08
CA ARG A 65 -16.56 -7.92 1.24
C ARG A 65 -17.05 -6.74 2.07
N VAL A 66 -18.32 -6.35 1.89
CA VAL A 66 -18.82 -5.17 2.58
C VAL A 66 -18.84 -5.39 4.09
N GLU A 67 -19.21 -6.59 4.54
CA GLU A 67 -19.18 -6.86 5.97
C GLU A 67 -17.75 -6.86 6.49
N PHE A 68 -16.83 -7.46 5.73
CA PHE A 68 -15.42 -7.42 6.08
C PHE A 68 -14.88 -5.99 6.09
N ASP A 69 -15.15 -5.23 5.02
CA ASP A 69 -14.68 -3.86 4.95
C ASP A 69 -15.25 -3.01 6.10
N SER A 70 -16.50 -3.27 6.48
CA SER A 70 -17.08 -2.54 7.60
C SER A 70 -16.29 -2.75 8.87
N ALA A 71 -15.86 -3.99 9.13
CA ALA A 71 -15.02 -4.23 10.30
C ALA A 71 -13.77 -3.37 10.26
N ILE A 72 -13.15 -3.25 9.08
CA ILE A 72 -11.96 -2.43 8.93
C ILE A 72 -12.31 -0.96 9.12
N ASP A 73 -13.35 -0.49 8.42
CA ASP A 73 -13.75 0.91 8.51
C ASP A 73 -14.06 1.31 9.95
N LEU A 74 -14.59 0.38 10.74
CA LEU A 74 -14.88 0.68 12.14
C LEU A 74 -13.60 0.94 12.92
N VAL A 75 -12.57 0.12 12.68
CA VAL A 75 -11.29 0.34 13.36
C VAL A 75 -10.67 1.65 12.88
N LEU A 76 -10.79 1.96 11.59
CA LEU A 76 -10.25 3.22 11.09
C LEU A 76 -10.92 4.41 11.78
N GLU A 77 -12.22 4.30 12.04
CA GLU A 77 -12.91 5.36 12.76
C GLU A 77 -12.49 5.37 14.23
N GLU A 78 -12.42 4.19 14.85
CA GLU A 78 -11.93 4.11 16.22
C GLU A 78 -10.62 4.89 16.40
N PHE A 79 -9.69 4.73 15.46
CA PHE A 79 -8.38 5.36 15.55
C PHE A 79 -8.31 6.70 14.81
N SER A 80 -9.45 7.28 14.44
CA SER A 80 -9.49 8.59 13.77
C SER A 80 -8.46 8.69 12.65
N ILE A 81 -8.47 7.69 11.76
CA ILE A 81 -7.48 7.62 10.69
C ILE A 81 -7.80 8.65 9.62
N ASP A 82 -6.75 9.29 9.09
CA ASP A 82 -6.87 10.19 7.95
C ASP A 82 -6.44 9.54 6.64
N ILE A 83 -5.47 8.65 6.66
CA ILE A 83 -4.90 8.05 5.45
C ILE A 83 -4.72 6.56 5.68
N VAL A 84 -4.97 5.77 4.63
CA VAL A 84 -4.84 4.31 4.67
C VAL A 84 -3.79 3.91 3.64
N CYS A 85 -2.74 3.22 4.08
CA CYS A 85 -1.75 2.64 3.19
C CYS A 85 -1.97 1.13 3.08
N LEU A 86 -2.17 0.65 1.86
CA LEU A 86 -2.19 -0.80 1.59
C LEU A 86 -0.76 -1.22 1.30
N ALA A 87 -0.20 -2.07 2.18
CA ALA A 87 1.21 -2.46 2.07
C ALA A 87 1.28 -4.00 2.08
N GLY A 88 1.08 -4.59 0.91
CA GLY A 88 0.99 -6.04 0.83
C GLY A 88 -0.38 -6.57 1.17
N PHE A 89 -1.41 -5.73 1.09
CA PHE A 89 -2.77 -6.14 1.38
C PHE A 89 -3.34 -6.89 0.18
N MET A 90 -3.80 -8.12 0.41
CA MET A 90 -4.19 -9.01 -0.68
C MET A 90 -5.71 -9.15 -0.83
N ARG A 91 -6.49 -8.25 -0.25
CA ARG A 91 -7.94 -8.30 -0.37
C ARG A 91 -8.43 -7.15 -1.23
N ILE A 92 -9.20 -7.47 -2.27
CA ILE A 92 -9.89 -6.43 -3.02
C ILE A 92 -10.96 -5.82 -2.14
N LEU A 93 -11.07 -4.50 -2.17
CA LEU A 93 -11.99 -3.76 -1.32
C LEU A 93 -13.28 -3.45 -2.07
N SER A 94 -14.36 -3.31 -1.32
CA SER A 94 -15.67 -3.05 -1.91
C SER A 94 -15.79 -1.61 -2.39
N GLY A 95 -16.65 -1.41 -3.38
CA GLY A 95 -16.85 -0.11 -3.98
C GLY A 95 -17.12 1.00 -2.99
N PRO A 96 -18.12 0.80 -2.12
CA PRO A 96 -18.45 1.87 -1.15
C PRO A 96 -17.29 2.19 -0.22
N PHE A 97 -16.55 1.17 0.22
CA PHE A 97 -15.36 1.44 1.02
C PHE A 97 -14.36 2.28 0.23
N VAL A 98 -14.06 1.87 -1.01
CA VAL A 98 -13.12 2.63 -1.83
C VAL A 98 -13.65 4.03 -2.09
N GLN A 99 -14.96 4.17 -2.28
CA GLN A 99 -15.54 5.49 -2.45
C GLN A 99 -15.34 6.34 -1.20
N LYS A 100 -15.65 5.76 -0.03
CA LYS A 100 -15.52 6.50 1.22
C LYS A 100 -14.11 7.04 1.39
N TRP A 101 -13.10 6.22 1.13
CA TRP A 101 -11.71 6.61 1.34
C TRP A 101 -11.06 7.15 0.07
N ASN A 102 -11.86 7.52 -0.93
CA ASN A 102 -11.27 8.05 -2.16
C ASN A 102 -10.40 9.25 -1.86
N GLY A 103 -9.24 9.29 -2.50
CA GLY A 103 -8.27 10.34 -2.24
C GLY A 103 -7.58 10.24 -0.89
N LYS A 104 -7.84 9.19 -0.11
CA LYS A 104 -7.24 9.01 1.20
C LYS A 104 -6.56 7.65 1.38
N MET A 105 -6.51 6.81 0.35
CA MET A 105 -5.98 5.46 0.47
C MET A 105 -4.93 5.24 -0.61
N LEU A 106 -3.72 4.87 -0.18
CA LEU A 106 -2.59 4.61 -1.07
C LEU A 106 -2.30 3.12 -1.15
N ASN A 107 -1.69 2.72 -2.26
CA ASN A 107 -1.30 1.34 -2.45
C ASN A 107 0.03 1.28 -3.19
N ILE A 108 0.88 0.33 -2.80
CA ILE A 108 2.13 0.06 -3.48
C ILE A 108 1.94 -1.16 -4.37
N HIS A 109 2.31 -1.04 -5.64
CA HIS A 109 2.14 -2.12 -6.59
C HIS A 109 3.47 -2.39 -7.28
N PRO A 110 3.89 -3.65 -7.38
CA PRO A 110 5.24 -3.99 -7.86
C PRO A 110 5.33 -4.04 -9.38
N SER A 111 4.82 -3.02 -10.06
CA SER A 111 5.02 -2.90 -11.49
C SER A 111 4.93 -1.42 -11.85
N LEU A 112 5.31 -1.12 -13.10
CA LEU A 112 5.11 0.21 -13.66
C LEU A 112 3.73 0.22 -14.31
N LEU A 113 2.71 0.48 -13.48
CA LEU A 113 1.35 0.56 -14.00
C LEU A 113 1.33 1.56 -15.15
N PRO A 114 0.48 1.37 -16.16
CA PRO A 114 -0.58 0.35 -16.20
C PRO A 114 -0.14 -1.05 -16.58
N SER A 115 1.16 -1.30 -16.70
CA SER A 115 1.63 -2.63 -17.00
C SER A 115 1.40 -3.58 -15.83
N PHE A 116 1.02 -4.82 -16.14
CA PHE A 116 1.02 -5.91 -15.17
C PHE A 116 0.20 -5.57 -13.92
N LYS A 117 -1.08 -5.28 -14.15
CA LYS A 117 -2.00 -5.14 -13.03
C LYS A 117 -2.25 -6.50 -12.39
N GLY A 118 -2.91 -6.48 -11.24
CA GLY A 118 -3.27 -7.73 -10.61
C GLY A 118 -2.16 -8.33 -9.78
N SER A 119 -2.41 -9.58 -9.37
CA SER A 119 -1.76 -10.12 -8.18
C SER A 119 -0.36 -10.66 -8.43
N ASN A 120 -0.04 -11.04 -9.66
CA ASN A 120 1.24 -11.67 -9.93
C ASN A 120 2.06 -10.82 -10.89
N ALA A 121 2.25 -9.54 -10.56
CA ALA A 121 2.92 -8.62 -11.48
C ALA A 121 4.30 -9.15 -11.88
N HIS A 122 5.09 -9.62 -10.92
CA HIS A 122 6.43 -10.10 -11.23
C HIS A 122 6.38 -11.27 -12.21
N GLU A 123 5.49 -12.24 -11.97
N GLU A 123 5.46 -12.21 -11.99
CA GLU A 123 5.31 -13.33 -12.92
CA GLU A 123 5.31 -13.34 -12.90
C GLU A 123 5.03 -12.78 -14.31
C GLU A 123 4.95 -12.87 -14.31
N GLN A 124 4.08 -11.87 -14.42
CA GLN A 124 3.73 -11.33 -15.73
C GLN A 124 4.91 -10.62 -16.37
N ALA A 125 5.65 -9.82 -15.59
CA ALA A 125 6.79 -9.10 -16.15
C ALA A 125 7.82 -10.07 -16.72
N LEU A 126 8.08 -11.17 -16.01
CA LEU A 126 9.09 -12.11 -16.47
C LEU A 126 8.61 -12.87 -17.69
N GLU A 127 7.33 -13.28 -17.70
CA GLU A 127 6.76 -13.93 -18.87
C GLU A 127 6.83 -13.02 -20.09
N THR A 128 6.51 -11.73 -19.90
CA THR A 128 6.52 -10.78 -21.01
C THR A 128 7.93 -10.50 -21.49
N GLY A 129 8.93 -10.63 -20.62
CA GLY A 129 10.30 -10.39 -21.03
C GLY A 129 10.73 -8.93 -21.06
N VAL A 130 10.11 -8.07 -20.25
CA VAL A 130 10.58 -6.70 -20.16
C VAL A 130 11.97 -6.69 -19.54
N THR A 131 12.79 -5.70 -19.92
CA THR A 131 14.06 -5.47 -19.24
C THR A 131 13.97 -4.36 -18.22
N VAL A 132 12.86 -3.62 -18.19
CA VAL A 132 12.63 -2.61 -17.16
C VAL A 132 11.26 -2.89 -16.55
N THR A 133 11.23 -2.98 -15.22
CA THR A 133 9.96 -2.98 -14.52
C THR A 133 10.06 -1.92 -13.44
N GLY A 134 9.35 -2.09 -12.34
CA GLY A 134 9.42 -1.10 -11.29
C GLY A 134 8.25 -1.26 -10.34
N CYS A 135 7.98 -0.20 -9.60
CA CYS A 135 6.87 -0.19 -8.65
C CYS A 135 6.14 1.14 -8.75
N THR A 136 4.90 1.13 -8.27
CA THR A 136 3.99 2.26 -8.40
C THR A 136 3.27 2.47 -7.07
N VAL A 137 3.25 3.71 -6.60
CA VAL A 137 2.35 4.13 -5.53
C VAL A 137 1.22 4.91 -6.17
N HIS A 138 -0.02 4.51 -5.91
CA HIS A 138 -1.17 5.17 -6.49
C HIS A 138 -2.29 5.27 -5.47
N PHE A 139 -3.18 6.23 -5.69
CA PHE A 139 -4.45 6.27 -5.00
C PHE A 139 -5.32 5.09 -5.46
N VAL A 140 -6.07 4.52 -4.54
CA VAL A 140 -6.94 3.39 -4.85
C VAL A 140 -8.28 3.91 -5.36
N ALA A 141 -8.69 3.42 -6.54
CA ALA A 141 -10.04 3.61 -7.07
C ALA A 141 -10.73 2.24 -7.12
N GLU A 142 -11.97 2.24 -7.60
CA GLU A 142 -12.74 1.00 -7.59
C GLU A 142 -12.06 -0.11 -8.39
N ASP A 143 -11.22 0.24 -9.37
CA ASP A 143 -10.42 -0.71 -10.12
C ASP A 143 -9.01 -0.15 -10.28
N VAL A 144 -8.03 -1.05 -10.41
CA VAL A 144 -6.63 -0.62 -10.49
C VAL A 144 -6.39 0.32 -11.65
N ASP A 145 -7.36 0.45 -12.56
CA ASP A 145 -7.23 1.28 -13.75
C ASP A 145 -7.46 2.75 -13.45
N ALA A 146 -8.38 3.09 -12.55
CA ALA A 146 -8.67 4.49 -12.28
C ALA A 146 -7.72 5.10 -11.25
N GLY A 147 -7.01 4.28 -10.49
CA GLY A 147 -6.14 4.77 -9.43
C GLY A 147 -5.10 5.76 -9.93
N GLN A 148 -5.14 7.00 -9.43
CA GLN A 148 -4.20 8.00 -9.87
C GLN A 148 -2.80 7.73 -9.30
N ILE A 149 -1.81 7.86 -10.16
CA ILE A 149 -0.44 7.49 -9.83
C ILE A 149 0.24 8.64 -9.11
N ILE A 150 0.92 8.33 -8.00
CA ILE A 150 1.59 9.34 -7.21
C ILE A 150 3.08 9.33 -7.54
N LEU A 151 3.74 8.18 -7.39
CA LEU A 151 5.16 8.04 -7.73
C LEU A 151 5.40 6.69 -8.39
N GLN A 152 6.49 6.62 -9.13
CA GLN A 152 6.97 5.37 -9.69
C GLN A 152 8.49 5.37 -9.69
N GLU A 153 9.08 4.17 -9.62
CA GLU A 153 10.51 4.04 -9.80
C GLU A 153 10.80 2.82 -10.66
N ALA A 154 11.59 3.02 -11.71
CA ALA A 154 11.98 1.92 -12.58
C ALA A 154 13.03 1.05 -11.90
N VAL A 155 12.96 -0.25 -12.18
CA VAL A 155 13.93 -1.22 -11.68
C VAL A 155 14.33 -2.14 -12.83
N PRO A 156 15.61 -2.39 -13.03
CA PRO A 156 16.02 -3.28 -14.13
C PRO A 156 15.64 -4.72 -13.86
N VAL A 157 15.26 -5.43 -14.92
CA VAL A 157 15.17 -6.88 -14.88
C VAL A 157 16.52 -7.43 -15.36
N LYS A 158 17.17 -8.24 -14.52
CA LYS A 158 18.42 -8.88 -14.86
C LYS A 158 18.15 -10.25 -15.48
N ARG A 159 19.05 -10.68 -16.36
CA ARG A 159 18.86 -11.98 -16.99
C ARG A 159 19.07 -13.08 -15.96
N GLY A 160 18.19 -14.08 -16.01
CA GLY A 160 18.12 -15.08 -14.97
C GLY A 160 17.23 -14.73 -13.79
N ASP A 161 16.66 -13.51 -13.78
CA ASP A 161 15.78 -13.12 -12.68
C ASP A 161 14.66 -14.11 -12.48
N THR A 162 14.31 -14.36 -11.22
CA THR A 162 13.09 -15.05 -10.86
C THR A 162 12.24 -14.12 -10.02
N VAL A 163 11.00 -14.55 -9.74
CA VAL A 163 10.17 -13.79 -8.81
C VAL A 163 10.93 -13.44 -7.55
N ALA A 164 11.75 -14.38 -7.05
CA ALA A 164 12.47 -14.13 -5.81
C ALA A 164 13.49 -13.02 -5.97
N THR A 165 14.28 -13.05 -7.04
CA THR A 165 15.32 -12.05 -7.19
C THR A 165 14.75 -10.73 -7.71
N LEU A 166 13.77 -10.78 -8.62
CA LEU A 166 13.18 -9.55 -9.12
C LEU A 166 12.45 -8.81 -8.02
N SER A 167 11.59 -9.52 -7.27
CA SER A 167 10.83 -8.87 -6.21
C SER A 167 11.74 -8.32 -5.12
N GLU A 168 12.89 -8.97 -4.90
CA GLU A 168 13.84 -8.44 -3.93
C GLU A 168 14.37 -7.09 -4.39
N ARG A 169 14.69 -6.97 -5.68
CA ARG A 169 15.21 -5.72 -6.21
C ARG A 169 14.12 -4.65 -6.28
N VAL A 170 12.90 -5.03 -6.67
CA VAL A 170 11.83 -4.04 -6.73
C VAL A 170 11.49 -3.54 -5.33
N LYS A 171 11.58 -4.40 -4.32
CA LYS A 171 11.18 -3.98 -2.98
C LYS A 171 12.08 -2.86 -2.45
N LEU A 172 13.36 -2.85 -2.83
CA LEU A 172 14.21 -1.74 -2.44
C LEU A 172 13.66 -0.42 -2.96
N ALA A 173 13.02 -0.44 -4.13
CA ALA A 173 12.45 0.78 -4.68
C ALA A 173 11.11 1.10 -4.03
N GLU A 174 10.33 0.07 -3.70
CA GLU A 174 9.10 0.31 -2.95
C GLU A 174 9.38 1.00 -1.63
N HIS A 175 10.41 0.53 -0.90
CA HIS A 175 10.76 1.11 0.39
C HIS A 175 11.22 2.56 0.27
N LYS A 176 11.46 3.04 -0.95
CA LYS A 176 11.78 4.44 -1.18
C LYS A 176 10.54 5.24 -1.59
N ILE A 177 9.86 4.83 -2.65
CA ILE A 177 8.78 5.67 -3.17
C ILE A 177 7.55 5.59 -2.27
N PHE A 178 7.35 4.48 -1.54
CA PHE A 178 6.16 4.42 -0.69
C PHE A 178 6.24 5.40 0.47
N PRO A 179 7.31 5.43 1.26
CA PRO A 179 7.40 6.47 2.29
C PRO A 179 7.33 7.87 1.72
N ALA A 180 7.98 8.11 0.57
CA ALA A 180 7.93 9.44 -0.02
C ALA A 180 6.50 9.80 -0.43
N ALA A 181 5.77 8.85 -1.04
CA ALA A 181 4.39 9.12 -1.44
C ALA A 181 3.52 9.39 -0.22
N LEU A 182 3.74 8.66 0.87
CA LEU A 182 2.99 8.94 2.08
C LEU A 182 3.29 10.35 2.58
N GLN A 183 4.58 10.71 2.61
CA GLN A 183 4.95 12.06 3.04
C GLN A 183 4.31 13.13 2.15
N LEU A 184 4.22 12.86 0.84
CA LEU A 184 3.60 13.82 -0.07
C LEU A 184 2.12 14.02 0.28
N VAL A 185 1.39 12.93 0.48
CA VAL A 185 -0.04 13.05 0.73
C VAL A 185 -0.30 13.60 2.13
N ALA A 186 0.39 13.06 3.13
CA ALA A 186 0.17 13.50 4.50
C ALA A 186 0.45 14.98 4.70
N SER A 187 1.38 15.56 3.94
CA SER A 187 1.74 16.95 4.08
C SER A 187 0.86 17.88 3.25
N GLY A 188 -0.06 17.34 2.45
CA GLY A 188 -0.86 18.16 1.59
C GLY A 188 -0.18 18.59 0.31
N THR A 189 1.03 18.11 0.05
CA THR A 189 1.73 18.46 -1.19
C THR A 189 1.09 17.80 -2.40
N VAL A 190 0.47 16.65 -2.23
CA VAL A 190 -0.24 15.96 -3.30
C VAL A 190 -1.62 15.59 -2.80
N GLN A 191 -2.62 15.76 -3.67
CA GLN A 191 -3.98 15.37 -3.39
C GLN A 191 -4.68 15.07 -4.70
N LEU A 192 -5.81 14.39 -4.60
CA LEU A 192 -6.72 14.32 -5.74
C LEU A 192 -7.43 15.65 -5.89
N GLY A 193 -7.39 16.21 -7.10
CA GLY A 193 -8.16 17.41 -7.40
C GLY A 193 -9.63 17.08 -7.65
N GLU A 194 -10.40 18.14 -7.92
CA GLU A 194 -11.78 17.93 -8.33
C GLU A 194 -11.85 17.18 -9.66
N ASN A 195 -10.85 17.40 -10.54
CA ASN A 195 -10.74 16.60 -11.75
C ASN A 195 -10.71 15.10 -11.47
N GLY A 196 -10.35 14.72 -10.25
CA GLY A 196 -10.04 13.34 -9.97
C GLY A 196 -8.65 12.92 -10.39
N LYS A 197 -7.84 13.85 -10.85
CA LYS A 197 -6.46 13.60 -11.25
C LYS A 197 -5.51 14.16 -10.21
N ILE A 198 -4.26 13.70 -10.27
CA ILE A 198 -3.27 14.11 -9.28
C ILE A 198 -3.08 15.62 -9.35
N CYS A 199 -3.04 16.26 -8.18
CA CYS A 199 -2.84 17.70 -8.05
C CYS A 199 -1.64 17.95 -7.16
N TRP A 200 -0.66 18.67 -7.67
CA TRP A 200 0.52 19.06 -6.90
C TRP A 200 0.38 20.50 -6.41
N VAL A 201 0.59 20.70 -5.12
CA VAL A 201 0.47 22.01 -4.47
C VAL A 201 1.84 22.63 -4.22
#